data_1AMN
#
_entry.id   1AMN
#
_cell.length_a   113.540
_cell.length_b   113.540
_cell.length_c   137.530
_cell.angle_alpha   90.00
_cell.angle_beta   90.00
_cell.angle_gamma   120.00
#
_symmetry.space_group_name_H-M   'P 31 2 1'
#
loop_
_entity.id
_entity.type
_entity.pdbx_description
1 polymer ACETYLCHOLINESTERASE
2 non-polymer 'SULFATE ION'
3 non-polymer M-(N,N,N-TRIMETHYLAMMONIO)-2,2,2-TRIFLUORO-1,1-DIHYDROXYETHYLBENZENE
4 water water
#
_entity_poly.entity_id   1
_entity_poly.type   'polypeptide(L)'
_entity_poly.pdbx_seq_one_letter_code
;DDHSELLVNTKSGKVMGTRVPVLSSHISAFLGIPFAEPPVGNMRFRRPEPKKPWSGVWNASTYPNNCQQYVDEQFPGFSG
SEMWNPNREMSEDCLYLNIWVPSPRPKSTTVMVWIYGGGFYSGSSTLDVYNGKYLAYTEEVVLVSLSYRVGAFGFLALHG
SQEAPGNVGLLDQRMALQWVHDNIQFFGGDPKTVTIFGESAGGASVGMHILSPGSRDLFRRAILQSGSPNCPWASVSVAE
GRRRAVELGRNLNCNLNSDEELIHCLREKKPQELIDVEWNVLPFDSIFRFSFVPVIDGEFFPTSLESMLNSGNFKKTQIL
LGVNKDEGSFFLLYGAPGFSKDSESKISREDFMSGVKLSVPHANDLGLDAVTLQYTDWMDDNNGIKNRDGLDDIVGDHNV
ICPLMHFVNKYTKFGNGTYLYFFNHRASNLVWPEWMGVIHGYEIEFVFGLPLVKELNYTAEEEALSRRIMHYWATFAKTG
NPNEPHSQESKWPLFTTKEQKFIDLNTEPMKVHQRLRVQMCVFWNQFLPKLLNATAC
;
_entity_poly.pdbx_strand_id   A
#
loop_
_chem_comp.id
_chem_comp.type
_chem_comp.name
_chem_comp.formula
NAF non-polymer M-(N,N,N-TRIMETHYLAMMONIO)-2,2,2-TRIFLUORO-1,1-DIHYDROXYETHYLBENZENE 'C11 H15 F3 N O2 1'
SO4 non-polymer 'SULFATE ION' 'O4 S -2'
#
# COMPACT_ATOMS: atom_id res chain seq x y z
N SER A 4 -23.28 -18.82 -19.69
CA SER A 4 -23.71 -18.76 -18.26
C SER A 4 -22.88 -17.68 -17.58
N GLU A 5 -23.40 -17.09 -16.51
CA GLU A 5 -22.68 -16.04 -15.78
C GLU A 5 -21.24 -16.45 -15.51
N LEU A 6 -21.04 -17.71 -15.18
CA LEU A 6 -19.71 -18.19 -14.89
C LEU A 6 -18.73 -18.31 -16.04
N LEU A 7 -19.20 -18.57 -17.25
CA LEU A 7 -18.27 -18.70 -18.37
C LEU A 7 -18.12 -17.33 -19.03
N VAL A 8 -16.88 -16.91 -19.29
CA VAL A 8 -16.64 -15.61 -19.90
C VAL A 8 -15.57 -15.60 -21.01
N ASN A 9 -15.77 -14.77 -22.02
CA ASN A 9 -14.88 -14.63 -23.17
C ASN A 9 -14.12 -13.32 -23.14
N THR A 10 -12.80 -13.38 -23.02
CA THR A 10 -11.99 -12.17 -22.94
C THR A 10 -10.97 -12.24 -24.05
N LYS A 11 -10.39 -11.08 -24.42
CA LYS A 11 -9.40 -11.07 -25.48
C LYS A 11 -8.32 -12.14 -25.36
N SER A 12 -7.99 -12.53 -24.13
CA SER A 12 -6.94 -13.53 -23.87
C SER A 12 -7.43 -14.97 -23.89
N GLY A 13 -8.74 -15.16 -23.81
CA GLY A 13 -9.30 -16.50 -23.82
C GLY A 13 -10.55 -16.48 -22.98
N LYS A 14 -11.22 -17.62 -22.86
CA LYS A 14 -12.42 -17.67 -22.05
C LYS A 14 -12.06 -18.29 -20.72
N VAL A 15 -12.68 -17.79 -19.65
CA VAL A 15 -12.43 -18.26 -18.29
C VAL A 15 -13.71 -18.72 -17.64
N MET A 16 -13.62 -19.80 -16.87
CA MET A 16 -14.72 -20.42 -16.13
C MET A 16 -14.56 -19.93 -14.69
N GLY A 17 -15.59 -19.30 -14.14
CA GLY A 17 -15.50 -18.80 -12.78
C GLY A 17 -16.15 -19.67 -11.72
N THR A 18 -16.63 -19.04 -10.66
CA THR A 18 -17.26 -19.75 -9.57
C THR A 18 -18.30 -18.87 -8.93
N ARG A 19 -19.28 -19.47 -8.28
CA ARG A 19 -20.25 -18.64 -7.61
C ARG A 19 -20.03 -18.72 -6.09
N VAL A 20 -19.49 -17.63 -5.56
CA VAL A 20 -19.20 -17.50 -4.14
C VAL A 20 -20.44 -16.99 -3.40
N PRO A 21 -20.69 -17.52 -2.21
CA PRO A 21 -21.83 -17.08 -1.42
C PRO A 21 -21.44 -15.85 -0.65
N VAL A 22 -22.32 -14.86 -0.56
CA VAL A 22 -22.01 -13.65 0.17
C VAL A 22 -23.24 -13.26 0.93
N LEU A 23 -23.12 -13.28 2.25
CA LEU A 23 -24.22 -12.98 3.14
C LEU A 23 -25.31 -13.97 2.77
N SER A 24 -26.54 -13.51 2.63
CA SER A 24 -27.62 -14.41 2.29
C SER A 24 -27.59 -14.90 0.83
N SER A 25 -27.07 -14.04 -0.06
CA SER A 25 -27.04 -14.33 -1.49
C SER A 25 -25.82 -15.06 -2.00
N HIS A 26 -25.51 -14.82 -3.27
CA HIS A 26 -24.36 -15.40 -3.95
C HIS A 26 -23.78 -14.35 -4.89
N ILE A 27 -22.63 -14.63 -5.47
CA ILE A 27 -21.95 -13.70 -6.36
C ILE A 27 -21.01 -14.56 -7.20
N SER A 28 -20.46 -14.01 -8.26
CA SER A 28 -19.57 -14.79 -9.09
C SER A 28 -18.19 -14.30 -8.85
N ALA A 29 -17.25 -15.24 -8.72
CA ALA A 29 -15.86 -14.91 -8.53
C ALA A 29 -15.05 -15.64 -9.58
N PHE A 30 -14.08 -14.91 -10.11
CA PHE A 30 -13.14 -15.36 -11.13
C PHE A 30 -11.82 -15.17 -10.38
N LEU A 31 -11.20 -16.27 -9.99
CA LEU A 31 -9.97 -16.17 -9.21
C LEU A 31 -8.69 -16.69 -9.88
N GLY A 32 -7.68 -15.82 -9.97
CA GLY A 32 -6.42 -16.21 -10.53
C GLY A 32 -6.25 -16.21 -12.03
N ILE A 33 -6.82 -15.20 -12.71
CA ILE A 33 -6.69 -15.07 -14.16
C ILE A 33 -5.28 -14.54 -14.37
N PRO A 34 -4.47 -15.23 -15.19
CA PRO A 34 -3.11 -14.72 -15.39
C PRO A 34 -3.15 -13.47 -16.27
N PHE A 35 -2.20 -12.55 -16.08
CA PHE A 35 -2.16 -11.34 -16.89
C PHE A 35 -0.79 -10.96 -17.41
N ALA A 36 0.20 -11.82 -17.13
CA ALA A 36 1.58 -11.62 -17.56
C ALA A 36 2.28 -12.98 -17.57
N GLU A 37 3.25 -13.16 -18.45
CA GLU A 37 3.95 -14.43 -18.55
C GLU A 37 4.69 -14.67 -17.25
N PRO A 38 4.63 -15.90 -16.69
CA PRO A 38 5.29 -16.29 -15.43
C PRO A 38 6.75 -15.87 -15.41
N PRO A 39 7.10 -14.89 -14.55
CA PRO A 39 8.43 -14.32 -14.36
C PRO A 39 9.47 -15.26 -13.77
N VAL A 40 9.37 -16.52 -14.12
CA VAL A 40 10.32 -17.50 -13.64
C VAL A 40 11.39 -17.66 -14.71
N GLY A 41 12.45 -18.38 -14.40
CA GLY A 41 13.52 -18.58 -15.36
C GLY A 41 14.39 -17.36 -15.50
N ASN A 42 14.98 -17.18 -16.67
CA ASN A 42 15.84 -16.03 -16.92
C ASN A 42 15.01 -14.73 -17.05
N MET A 43 13.71 -14.83 -16.80
CA MET A 43 12.85 -13.68 -16.84
C MET A 43 12.79 -13.02 -15.47
N ARG A 44 13.45 -13.61 -14.49
CA ARG A 44 13.47 -13.04 -13.14
C ARG A 44 14.14 -11.67 -13.20
N PHE A 45 13.53 -10.68 -12.53
CA PHE A 45 13.99 -9.29 -12.49
C PHE A 45 13.60 -8.51 -13.76
N ARG A 46 13.39 -9.23 -14.87
CA ARG A 46 12.99 -8.65 -16.16
C ARG A 46 11.58 -8.07 -16.02
N ARG A 47 11.19 -7.22 -16.95
CA ARG A 47 9.85 -6.64 -16.90
C ARG A 47 8.84 -7.72 -17.33
N PRO A 48 7.57 -7.58 -16.98
CA PRO A 48 6.60 -8.62 -17.40
C PRO A 48 6.18 -8.59 -18.86
N GLU A 49 5.83 -9.77 -19.38
CA GLU A 49 5.35 -9.88 -20.75
C GLU A 49 3.88 -10.09 -20.62
N PRO A 50 3.13 -9.83 -21.68
CA PRO A 50 1.67 -10.01 -21.63
C PRO A 50 1.33 -11.48 -21.75
N LYS A 51 0.23 -11.88 -21.13
CA LYS A 51 -0.17 -13.28 -21.17
C LYS A 51 -0.52 -13.71 -22.58
N LYS A 52 0.19 -14.71 -23.08
CA LYS A 52 -0.10 -15.27 -24.39
C LYS A 52 -1.46 -15.92 -24.22
N PRO A 53 -2.40 -15.66 -25.15
CA PRO A 53 -3.77 -16.17 -25.18
C PRO A 53 -3.83 -17.65 -24.96
N TRP A 54 -4.85 -18.11 -24.24
CA TRP A 54 -4.95 -19.53 -23.96
C TRP A 54 -6.01 -20.27 -24.74
N SER A 55 -5.75 -21.57 -24.88
CA SER A 55 -6.63 -22.49 -25.57
C SER A 55 -7.48 -23.19 -24.51
N GLY A 56 -8.77 -23.30 -24.79
CA GLY A 56 -9.67 -23.94 -23.86
C GLY A 56 -10.02 -22.99 -22.74
N VAL A 57 -10.89 -23.43 -21.84
CA VAL A 57 -11.28 -22.56 -20.76
C VAL A 57 -10.26 -22.55 -19.64
N TRP A 58 -10.00 -21.35 -19.12
CA TRP A 58 -9.08 -21.19 -18.02
C TRP A 58 -9.94 -21.27 -16.77
N ASN A 59 -9.76 -22.33 -15.98
CA ASN A 59 -10.55 -22.51 -14.74
C ASN A 59 -10.13 -21.48 -13.71
N ALA A 60 -11.02 -20.54 -13.42
CA ALA A 60 -10.70 -19.47 -12.51
C ALA A 60 -11.51 -19.57 -11.26
N SER A 61 -11.38 -20.71 -10.61
CA SER A 61 -12.15 -20.98 -9.39
C SER A 61 -11.40 -20.95 -8.06
N THR A 62 -10.07 -20.92 -8.10
CA THR A 62 -9.27 -20.92 -6.88
C THR A 62 -8.15 -19.91 -6.86
N TYR A 63 -7.81 -19.46 -5.66
CA TYR A 63 -6.75 -18.48 -5.47
C TYR A 63 -5.40 -18.89 -6.00
N PRO A 64 -4.73 -17.96 -6.65
CA PRO A 64 -3.41 -18.27 -7.20
C PRO A 64 -2.30 -18.25 -6.16
N ASN A 65 -1.15 -18.80 -6.51
CA ASN A 65 -0.01 -18.79 -5.60
C ASN A 65 0.32 -17.35 -5.24
N ASN A 66 0.92 -17.16 -4.07
CA ASN A 66 1.32 -15.84 -3.63
C ASN A 66 2.75 -15.61 -4.11
N CYS A 67 3.18 -14.36 -4.18
CA CYS A 67 4.52 -14.17 -4.65
C CYS A 67 5.48 -14.59 -3.56
N GLN A 68 6.71 -14.83 -3.98
CA GLN A 68 7.78 -15.23 -3.09
C GLN A 68 8.02 -14.02 -2.19
N GLN A 69 8.02 -14.20 -0.87
CA GLN A 69 8.23 -13.09 0.04
C GLN A 69 8.65 -13.48 1.47
N TYR A 70 8.93 -12.47 2.28
CA TYR A 70 9.32 -12.63 3.67
C TYR A 70 8.10 -12.90 4.54
N VAL A 71 8.06 -14.04 5.22
CA VAL A 71 6.93 -14.37 6.10
C VAL A 71 7.24 -13.87 7.52
N ASP A 72 6.28 -13.21 8.15
CA ASP A 72 6.45 -12.66 9.49
C ASP A 72 6.24 -13.73 10.52
N GLU A 73 7.32 -14.12 11.18
CA GLU A 73 7.23 -15.15 12.22
C GLU A 73 7.28 -14.63 13.64
N GLN A 74 7.44 -13.32 13.84
CA GLN A 74 7.52 -12.82 15.22
C GLN A 74 6.43 -13.29 16.18
N PHE A 75 5.16 -13.19 15.80
CA PHE A 75 4.12 -13.63 16.71
C PHE A 75 3.37 -14.82 16.13
N PRO A 76 3.97 -16.03 16.19
CA PRO A 76 3.36 -17.25 15.66
C PRO A 76 2.01 -17.54 16.27
N GLY A 77 1.07 -17.95 15.42
CA GLY A 77 -0.27 -18.27 15.87
C GLY A 77 -1.09 -17.01 16.13
N PHE A 78 -0.40 -15.89 16.36
CA PHE A 78 -1.08 -14.65 16.63
C PHE A 78 -1.75 -14.17 15.37
N SER A 79 -3.06 -13.99 15.46
CA SER A 79 -3.86 -13.54 14.32
C SER A 79 -3.39 -12.17 13.92
N GLY A 80 -3.40 -11.22 14.86
CA GLY A 80 -2.92 -9.89 14.56
C GLY A 80 -1.73 -9.91 13.59
N SER A 81 -0.73 -10.76 13.85
CA SER A 81 0.42 -10.81 13.00
C SER A 81 0.24 -11.66 11.73
N GLU A 82 -0.56 -12.73 11.81
CA GLU A 82 -0.72 -13.61 10.64
C GLU A 82 -1.78 -13.32 9.59
N MET A 83 -2.76 -12.48 9.92
CA MET A 83 -3.77 -12.13 8.94
C MET A 83 -3.04 -11.58 7.72
N TRP A 84 -1.87 -11.00 7.93
CA TRP A 84 -1.08 -10.44 6.87
C TRP A 84 -0.12 -11.41 6.19
N ASN A 85 -0.14 -12.67 6.58
CA ASN A 85 0.82 -13.61 5.99
C ASN A 85 0.32 -14.45 4.81
N PRO A 86 1.22 -14.77 3.87
CA PRO A 86 0.87 -15.56 2.69
C PRO A 86 0.01 -16.75 3.00
N ASN A 87 -1.25 -16.77 2.56
CA ASN A 87 -2.12 -17.93 2.82
C ASN A 87 -2.08 -18.98 1.72
N ARG A 88 -1.12 -18.87 0.82
CA ARG A 88 -1.03 -19.81 -0.27
C ARG A 88 0.41 -20.17 -0.48
N GLU A 89 0.65 -20.98 -1.49
CA GLU A 89 2.00 -21.41 -1.83
C GLU A 89 2.75 -20.25 -2.47
N MET A 90 3.82 -19.81 -1.84
CA MET A 90 4.57 -18.71 -2.41
C MET A 90 5.23 -19.27 -3.66
N SER A 91 5.32 -18.46 -4.70
CA SER A 91 5.89 -18.93 -5.94
C SER A 91 6.20 -17.75 -6.85
N GLU A 92 7.27 -17.87 -7.64
CA GLU A 92 7.63 -16.81 -8.57
C GLU A 92 6.51 -16.66 -9.61
N ASP A 93 5.83 -17.77 -9.89
CA ASP A 93 4.70 -17.70 -10.80
C ASP A 93 3.54 -17.22 -9.95
N CYS A 94 3.48 -15.92 -9.72
CA CYS A 94 2.42 -15.35 -8.92
C CYS A 94 1.68 -14.19 -9.59
N LEU A 95 2.03 -13.88 -10.83
CA LEU A 95 1.36 -12.79 -11.52
C LEU A 95 -0.05 -13.19 -12.02
N TYR A 96 -1.04 -13.05 -11.13
CA TYR A 96 -2.44 -13.37 -11.42
C TYR A 96 -3.36 -12.27 -10.95
N LEU A 97 -4.61 -12.32 -11.37
CA LEU A 97 -5.55 -11.26 -11.05
C LEU A 97 -6.85 -11.91 -10.61
N ASN A 98 -7.62 -11.23 -9.74
CA ASN A 98 -8.91 -11.77 -9.25
C ASN A 98 -10.03 -10.76 -9.47
N ILE A 99 -11.22 -11.25 -9.82
CA ILE A 99 -12.41 -10.41 -10.08
C ILE A 99 -13.68 -10.98 -9.43
N TRP A 100 -14.41 -10.14 -8.71
CA TRP A 100 -15.67 -10.52 -8.05
C TRP A 100 -16.70 -9.69 -8.77
N VAL A 101 -17.60 -10.37 -9.48
CA VAL A 101 -18.67 -9.74 -10.26
C VAL A 101 -20.03 -10.02 -9.61
N PRO A 102 -20.90 -9.01 -9.55
CA PRO A 102 -22.22 -9.21 -8.97
C PRO A 102 -23.05 -10.25 -9.77
N SER A 103 -24.22 -10.57 -9.23
CA SER A 103 -25.15 -11.49 -9.88
C SER A 103 -26.54 -10.88 -9.74
N PRO A 104 -27.21 -10.66 -10.88
CA PRO A 104 -26.69 -10.98 -12.21
C PRO A 104 -25.56 -10.04 -12.64
N ARG A 105 -24.70 -10.54 -13.53
CA ARG A 105 -23.61 -9.74 -14.05
C ARG A 105 -24.21 -8.47 -14.68
N PRO A 106 -23.60 -7.30 -14.42
CA PRO A 106 -24.08 -6.01 -14.95
C PRO A 106 -23.80 -5.74 -16.45
N LYS A 107 -24.25 -4.57 -16.93
CA LYS A 107 -24.01 -4.18 -18.31
C LYS A 107 -22.60 -3.59 -18.30
N SER A 108 -22.49 -2.49 -17.60
CA SER A 108 -21.23 -1.80 -17.44
C SER A 108 -21.43 -1.02 -16.15
N THR A 109 -20.57 -1.28 -15.17
CA THR A 109 -20.65 -0.62 -13.88
C THR A 109 -19.26 -0.32 -13.32
N THR A 110 -19.22 0.50 -12.27
CA THR A 110 -17.96 0.90 -11.67
C THR A 110 -17.05 -0.21 -11.20
N VAL A 111 -15.79 -0.08 -11.60
CA VAL A 111 -14.74 -1.02 -11.28
C VAL A 111 -13.80 -0.39 -10.25
N MET A 112 -13.31 -1.22 -9.32
CA MET A 112 -12.36 -0.83 -8.28
C MET A 112 -11.25 -1.89 -8.25
N VAL A 113 -10.03 -1.48 -8.58
CA VAL A 113 -8.86 -2.39 -8.59
C VAL A 113 -8.13 -2.15 -7.27
N TRP A 114 -7.94 -3.20 -6.48
CA TRP A 114 -7.28 -3.11 -5.18
C TRP A 114 -5.81 -3.50 -5.28
N ILE A 115 -4.93 -2.59 -4.86
CA ILE A 115 -3.47 -2.85 -4.86
C ILE A 115 -3.01 -2.91 -3.38
N TYR A 116 -2.58 -4.09 -2.95
CA TYR A 116 -2.16 -4.32 -1.56
C TYR A 116 -0.83 -3.72 -1.15
N GLY A 117 -0.63 -3.55 0.15
CA GLY A 117 0.61 -2.99 0.64
C GLY A 117 1.53 -4.05 1.25
N GLY A 118 2.57 -3.58 1.95
CA GLY A 118 3.56 -4.45 2.59
C GLY A 118 5.00 -3.95 2.50
N GLY A 119 5.20 -2.63 2.57
CA GLY A 119 6.55 -2.10 2.47
C GLY A 119 7.29 -2.50 1.21
N PHE A 120 6.55 -2.95 0.19
CA PHE A 120 7.14 -3.39 -1.09
C PHE A 120 7.91 -4.68 -0.90
N TYR A 121 7.97 -5.21 0.34
CA TYR A 121 8.68 -6.48 0.60
C TYR A 121 7.72 -7.64 0.80
N SER A 122 6.43 -7.36 0.96
CA SER A 122 5.44 -8.42 1.16
C SER A 122 4.09 -8.02 0.57
N GLY A 123 3.12 -8.93 0.62
CA GLY A 123 1.80 -8.64 0.11
C GLY A 123 1.18 -9.86 -0.56
N SER A 124 -0.15 -9.93 -0.54
CA SER A 124 -0.88 -11.02 -1.17
C SER A 124 -2.26 -10.53 -1.56
N SER A 125 -2.77 -11.03 -2.68
CA SER A 125 -4.09 -10.63 -3.15
C SER A 125 -5.15 -11.57 -2.61
N THR A 126 -4.71 -12.79 -2.35
CA THR A 126 -5.53 -13.88 -1.89
C THR A 126 -5.92 -13.88 -0.40
N LEU A 127 -5.67 -12.81 0.33
CA LEU A 127 -5.96 -12.90 1.74
C LEU A 127 -7.19 -12.33 2.36
N ASP A 128 -7.82 -13.20 3.12
CA ASP A 128 -9.03 -12.95 3.88
C ASP A 128 -9.54 -11.53 4.08
N VAL A 129 -8.69 -10.56 4.41
CA VAL A 129 -9.17 -9.18 4.59
C VAL A 129 -9.30 -8.43 3.30
N TYR A 130 -8.98 -9.10 2.20
CA TYR A 130 -9.02 -8.49 0.88
C TYR A 130 -10.10 -9.12 0.02
N ASN A 131 -11.01 -9.86 0.66
CA ASN A 131 -12.09 -10.51 -0.07
C ASN A 131 -13.01 -9.44 -0.64
N GLY A 132 -12.91 -9.26 -1.96
CA GLY A 132 -13.71 -8.24 -2.60
C GLY A 132 -15.20 -8.50 -2.60
N LYS A 133 -15.60 -9.72 -2.32
CA LYS A 133 -17.02 -10.10 -2.33
C LYS A 133 -18.03 -9.27 -1.54
N TYR A 134 -17.76 -8.92 -0.29
CA TYR A 134 -18.75 -8.14 0.46
C TYR A 134 -18.97 -6.79 -0.19
N LEU A 135 -17.87 -6.16 -0.61
CA LEU A 135 -17.92 -4.84 -1.25
C LEU A 135 -18.61 -4.90 -2.63
N ALA A 136 -18.27 -5.93 -3.39
CA ALA A 136 -18.84 -6.12 -4.70
C ALA A 136 -20.34 -6.26 -4.53
N TYR A 137 -20.75 -7.28 -3.78
CA TYR A 137 -22.14 -7.54 -3.56
C TYR A 137 -22.91 -6.34 -2.95
N THR A 138 -22.40 -5.76 -1.87
CA THR A 138 -23.09 -4.67 -1.19
C THR A 138 -23.31 -3.40 -2.02
N GLU A 139 -22.28 -2.99 -2.77
CA GLU A 139 -22.36 -1.76 -3.57
C GLU A 139 -22.52 -1.93 -5.08
N GLU A 140 -22.81 -3.16 -5.51
CA GLU A 140 -22.96 -3.47 -6.93
C GLU A 140 -21.75 -2.84 -7.64
N VAL A 141 -20.61 -3.49 -7.51
CA VAL A 141 -19.38 -2.99 -8.07
C VAL A 141 -18.48 -4.15 -8.50
N VAL A 142 -17.65 -3.94 -9.51
CA VAL A 142 -16.75 -5.01 -9.95
C VAL A 142 -15.43 -4.77 -9.23
N LEU A 143 -15.08 -5.71 -8.35
CA LEU A 143 -13.87 -5.59 -7.54
C LEU A 143 -12.80 -6.45 -8.16
N VAL A 144 -11.62 -5.88 -8.34
CA VAL A 144 -10.50 -6.64 -8.91
C VAL A 144 -9.32 -6.41 -7.98
N SER A 145 -8.52 -7.45 -7.78
CA SER A 145 -7.33 -7.40 -6.93
C SER A 145 -6.24 -7.92 -7.82
N LEU A 146 -5.11 -7.24 -7.86
CA LEU A 146 -4.01 -7.72 -8.70
C LEU A 146 -2.81 -8.12 -7.84
N SER A 147 -1.74 -8.59 -8.45
CA SER A 147 -0.58 -9.01 -7.69
C SER A 147 0.67 -8.51 -8.32
N TYR A 148 1.68 -8.28 -7.51
CA TYR A 148 2.94 -7.81 -8.02
C TYR A 148 4.15 -8.32 -7.25
N ARG A 149 5.25 -8.45 -7.98
CA ARG A 149 6.48 -8.90 -7.43
C ARG A 149 7.01 -7.91 -6.43
N VAL A 150 7.10 -8.37 -5.19
CA VAL A 150 7.61 -7.60 -4.08
C VAL A 150 9.09 -8.01 -3.85
N GLY A 151 9.81 -7.21 -3.08
CA GLY A 151 11.19 -7.54 -2.79
C GLY A 151 12.13 -7.47 -3.97
N ALA A 152 13.30 -8.08 -3.83
CA ALA A 152 14.32 -8.11 -4.87
C ALA A 152 13.74 -8.55 -6.19
N PHE A 153 12.83 -9.52 -6.14
CA PHE A 153 12.18 -10.07 -7.33
C PHE A 153 11.49 -9.00 -8.16
N GLY A 154 10.78 -8.11 -7.47
CA GLY A 154 10.06 -7.07 -8.17
C GLY A 154 10.77 -5.74 -8.21
N PHE A 155 11.70 -5.50 -7.28
CA PHE A 155 12.33 -4.19 -7.25
C PHE A 155 13.87 -4.10 -7.27
N LEU A 156 14.55 -5.17 -7.68
CA LEU A 156 16.02 -5.07 -7.74
C LEU A 156 16.33 -4.06 -8.85
N ALA A 157 17.22 -3.11 -8.60
CA ALA A 157 17.46 -2.09 -9.61
C ALA A 157 18.87 -1.76 -10.08
N LEU A 158 19.39 -2.52 -11.03
CA LEU A 158 20.71 -2.24 -11.59
C LEU A 158 20.39 -1.40 -12.82
N HIS A 159 20.19 -0.10 -12.59
CA HIS A 159 19.81 0.82 -13.64
C HIS A 159 20.42 0.66 -15.01
N GLY A 160 21.75 0.71 -15.08
CA GLY A 160 22.39 0.57 -16.38
C GLY A 160 21.86 -0.58 -17.25
N SER A 161 21.53 -1.70 -16.60
CA SER A 161 21.07 -2.89 -17.29
C SER A 161 19.64 -2.91 -17.72
N GLN A 162 19.37 -3.75 -18.72
CA GLN A 162 18.03 -3.94 -19.27
C GLN A 162 17.54 -5.29 -18.75
N GLU A 163 18.49 -6.08 -18.25
CA GLU A 163 18.24 -7.41 -17.71
C GLU A 163 17.64 -7.33 -16.30
N ALA A 164 17.85 -6.19 -15.65
CA ALA A 164 17.31 -5.94 -14.32
C ALA A 164 17.24 -4.46 -13.99
N PRO A 165 16.34 -3.73 -14.67
CA PRO A 165 16.17 -2.30 -14.45
C PRO A 165 15.27 -2.26 -13.25
N GLY A 166 15.02 -1.11 -12.68
CA GLY A 166 14.12 -1.14 -11.55
C GLY A 166 12.62 -1.28 -11.87
N ASN A 167 11.84 -0.88 -10.88
CA ASN A 167 10.40 -0.81 -10.94
C ASN A 167 9.62 -1.91 -11.66
N VAL A 168 10.32 -2.98 -12.02
CA VAL A 168 9.72 -4.12 -12.71
C VAL A 168 8.42 -4.58 -12.05
N GLY A 169 8.33 -4.41 -10.73
CA GLY A 169 7.15 -4.81 -9.98
C GLY A 169 6.08 -3.76 -10.02
N LEU A 170 6.48 -2.54 -10.37
CA LEU A 170 5.52 -1.46 -10.49
C LEU A 170 4.93 -1.59 -11.91
N LEU A 171 5.71 -2.23 -12.81
CA LEU A 171 5.24 -2.47 -14.18
C LEU A 171 4.18 -3.59 -14.20
N ASP A 172 4.32 -4.55 -13.29
CA ASP A 172 3.36 -5.64 -13.17
C ASP A 172 2.02 -5.06 -12.77
N GLN A 173 2.03 -4.07 -11.89
CA GLN A 173 0.78 -3.45 -11.46
C GLN A 173 0.15 -2.87 -12.71
N ARG A 174 0.97 -2.14 -13.47
CA ARG A 174 0.54 -1.48 -14.71
C ARG A 174 -0.05 -2.45 -15.72
N MET A 175 0.67 -3.53 -15.99
CA MET A 175 0.17 -4.52 -16.93
C MET A 175 -1.10 -5.18 -16.46
N ALA A 176 -1.39 -5.16 -15.17
CA ALA A 176 -2.64 -5.79 -14.74
C ALA A 176 -3.71 -4.77 -14.95
N LEU A 177 -3.35 -3.50 -14.82
CA LEU A 177 -4.29 -2.38 -15.02
C LEU A 177 -4.69 -2.36 -16.49
N GLN A 178 -3.74 -2.67 -17.36
CA GLN A 178 -3.96 -2.73 -18.79
C GLN A 178 -5.02 -3.80 -19.06
N TRP A 179 -4.74 -5.03 -18.63
CA TRP A 179 -5.66 -6.13 -18.84
C TRP A 179 -7.06 -5.80 -18.32
N VAL A 180 -7.14 -5.13 -17.19
CA VAL A 180 -8.44 -4.76 -16.64
C VAL A 180 -9.12 -3.85 -17.65
N HIS A 181 -8.35 -2.90 -18.15
CA HIS A 181 -8.79 -1.91 -19.13
C HIS A 181 -9.26 -2.58 -20.42
N ASP A 182 -8.45 -3.49 -20.94
CA ASP A 182 -8.79 -4.19 -22.16
C ASP A 182 -9.87 -5.27 -22.01
N ASN A 183 -10.09 -5.81 -20.81
CA ASN A 183 -11.07 -6.90 -20.67
C ASN A 183 -12.21 -6.82 -19.67
N ILE A 184 -12.20 -5.86 -18.78
CA ILE A 184 -13.26 -5.80 -17.78
C ILE A 184 -14.71 -5.62 -18.31
N GLN A 185 -14.86 -5.21 -19.56
CA GLN A 185 -16.19 -5.04 -20.16
C GLN A 185 -16.89 -6.40 -20.27
N PHE A 186 -16.13 -7.41 -20.66
CA PHE A 186 -16.68 -8.74 -20.79
C PHE A 186 -17.16 -9.31 -19.45
N PHE A 187 -16.86 -8.60 -18.35
CA PHE A 187 -17.26 -9.00 -17.00
C PHE A 187 -18.33 -8.04 -16.50
N GLY A 188 -18.54 -6.94 -17.19
CA GLY A 188 -19.59 -6.04 -16.76
C GLY A 188 -19.10 -4.73 -16.23
N GLY A 189 -17.83 -4.44 -16.40
CA GLY A 189 -17.32 -3.22 -15.84
C GLY A 189 -17.12 -2.14 -16.84
N ASP A 190 -17.30 -0.90 -16.41
CA ASP A 190 -17.11 0.22 -17.28
C ASP A 190 -15.64 0.60 -17.24
N PRO A 191 -14.91 0.31 -18.32
CA PRO A 191 -13.49 0.62 -18.41
C PRO A 191 -13.22 2.10 -18.29
N LYS A 192 -14.28 2.91 -18.35
CA LYS A 192 -14.13 4.37 -18.27
C LYS A 192 -14.23 4.80 -16.82
N THR A 193 -14.83 3.93 -16.02
CA THR A 193 -14.94 4.21 -14.61
C THR A 193 -14.30 3.14 -13.72
N VAL A 194 -12.96 3.17 -13.76
CA VAL A 194 -12.08 2.28 -13.00
C VAL A 194 -11.27 3.08 -11.98
N THR A 195 -11.54 2.80 -10.71
CA THR A 195 -10.84 3.44 -9.59
C THR A 195 -9.76 2.53 -8.97
N ILE A 196 -8.51 3.01 -8.91
CA ILE A 196 -7.46 2.20 -8.29
C ILE A 196 -7.28 2.60 -6.82
N PHE A 197 -7.57 1.69 -5.88
CA PHE A 197 -7.37 2.04 -4.47
C PHE A 197 -6.31 1.16 -3.80
N GLY A 198 -5.51 1.74 -2.92
CA GLY A 198 -4.48 0.93 -2.27
C GLY A 198 -4.10 1.45 -0.90
N GLU A 199 -3.47 0.62 -0.09
CA GLU A 199 -3.08 1.02 1.26
C GLU A 199 -1.60 0.83 1.51
N SER A 200 -0.96 1.77 2.21
CA SER A 200 0.47 1.71 2.55
C SER A 200 1.36 1.79 1.34
N ALA A 201 1.88 0.67 0.89
CA ALA A 201 2.73 0.69 -0.30
C ALA A 201 1.78 0.68 -1.47
N GLY A 202 0.60 0.11 -1.25
CA GLY A 202 -0.43 0.06 -2.27
C GLY A 202 -0.89 1.48 -2.55
N GLY A 203 -1.29 2.20 -1.52
CA GLY A 203 -1.72 3.56 -1.71
C GLY A 203 -0.60 4.45 -2.25
N ALA A 204 0.65 4.09 -2.00
CA ALA A 204 1.76 4.90 -2.51
C ALA A 204 2.05 4.49 -3.93
N SER A 205 1.68 3.26 -4.29
CA SER A 205 1.85 2.77 -5.66
C SER A 205 0.81 3.55 -6.46
N VAL A 206 -0.41 3.60 -5.93
CA VAL A 206 -1.53 4.33 -6.55
C VAL A 206 -1.08 5.74 -6.97
N GLY A 207 -0.47 6.47 -6.04
CA GLY A 207 0.01 7.80 -6.34
C GLY A 207 1.13 7.80 -7.37
N MET A 208 1.84 6.68 -7.51
CA MET A 208 2.92 6.64 -8.50
C MET A 208 2.31 6.54 -9.90
N HIS A 209 1.22 5.79 -10.05
CA HIS A 209 0.54 5.68 -11.34
C HIS A 209 -0.15 7.03 -11.65
N ILE A 210 -0.56 7.79 -10.65
CA ILE A 210 -1.10 9.11 -10.94
C ILE A 210 0.05 9.96 -11.53
N LEU A 211 1.29 9.67 -11.11
CA LEU A 211 2.47 10.41 -11.56
C LEU A 211 3.11 9.94 -12.87
N SER A 212 3.49 8.68 -12.95
CA SER A 212 4.10 8.15 -14.15
C SER A 212 3.22 8.40 -15.35
N PRO A 213 3.73 9.16 -16.34
CA PRO A 213 2.97 9.46 -17.56
C PRO A 213 2.36 8.21 -18.18
N GLY A 214 3.15 7.13 -18.20
CA GLY A 214 2.69 5.88 -18.80
C GLY A 214 1.51 5.15 -18.20
N SER A 215 1.02 5.57 -17.04
CA SER A 215 -0.10 4.89 -16.38
C SER A 215 -1.41 5.68 -16.32
N ARG A 216 -1.31 7.02 -16.28
CA ARG A 216 -2.46 7.91 -16.19
C ARG A 216 -3.70 7.53 -16.98
N ASP A 217 -3.54 7.15 -18.23
CA ASP A 217 -4.68 6.84 -19.09
C ASP A 217 -5.45 5.56 -18.79
N LEU A 218 -4.86 4.70 -17.98
CA LEU A 218 -5.43 3.39 -17.65
C LEU A 218 -6.38 3.36 -16.48
N PHE A 219 -6.66 4.50 -15.87
CA PHE A 219 -7.58 4.51 -14.72
C PHE A 219 -8.18 5.92 -14.59
N ARG A 220 -9.35 6.02 -13.94
CA ARG A 220 -10.07 7.29 -13.81
C ARG A 220 -9.76 8.09 -12.53
N ARG A 221 -9.95 7.46 -11.37
CA ARG A 221 -9.72 8.15 -10.10
C ARG A 221 -8.98 7.24 -9.08
N ALA A 222 -8.45 7.87 -8.04
CA ALA A 222 -7.64 7.18 -7.03
C ALA A 222 -8.03 7.35 -5.56
N ILE A 223 -7.86 6.27 -4.80
CA ILE A 223 -8.09 6.29 -3.35
C ILE A 223 -6.77 5.82 -2.75
N LEU A 224 -6.14 6.65 -1.92
CA LEU A 224 -4.89 6.28 -1.28
C LEU A 224 -5.07 6.26 0.25
N GLN A 225 -4.84 5.11 0.88
CA GLN A 225 -4.96 5.04 2.34
C GLN A 225 -3.62 4.72 3.04
N SER A 226 -3.15 5.71 3.80
CA SER A 226 -1.90 5.67 4.57
C SER A 226 -0.66 5.46 3.73
N GLY A 227 -0.44 6.33 2.75
CA GLY A 227 0.72 6.22 1.86
C GLY A 227 0.64 7.18 0.69
N SER A 228 1.79 7.70 0.26
CA SER A 228 1.89 8.64 -0.85
C SER A 228 3.15 8.24 -1.58
N PRO A 229 3.32 8.66 -2.83
CA PRO A 229 4.57 8.26 -3.49
C PRO A 229 5.72 9.08 -2.91
N ASN A 230 5.40 10.21 -2.27
CA ASN A 230 6.44 11.04 -1.70
C ASN A 230 6.90 10.62 -0.30
N CYS A 231 6.54 9.41 0.13
CA CYS A 231 6.96 8.93 1.42
C CYS A 231 8.46 8.56 1.33
N PRO A 232 9.22 8.80 2.42
CA PRO A 232 10.66 8.56 2.59
C PRO A 232 11.12 7.15 2.38
N TRP A 233 10.19 6.22 2.44
CA TRP A 233 10.51 4.80 2.28
C TRP A 233 10.02 4.23 0.96
N ALA A 234 9.41 5.08 0.14
CA ALA A 234 8.86 4.60 -1.11
C ALA A 234 9.76 4.67 -2.31
N SER A 235 10.84 5.42 -2.26
CA SER A 235 11.68 5.52 -3.44
C SER A 235 13.16 5.68 -3.13
N VAL A 236 14.03 5.21 -4.00
CA VAL A 236 15.47 5.41 -3.78
C VAL A 236 16.06 5.84 -5.09
N SER A 237 17.22 6.47 -5.02
CA SER A 237 17.90 6.93 -6.21
C SER A 237 18.45 5.73 -6.97
N VAL A 238 18.65 5.92 -8.25
CA VAL A 238 19.20 4.89 -9.12
C VAL A 238 20.46 4.36 -8.45
N ALA A 239 21.20 5.29 -7.86
CA ALA A 239 22.45 5.01 -7.17
C ALA A 239 22.27 4.02 -6.04
N GLU A 240 21.43 4.41 -5.08
CA GLU A 240 21.13 3.60 -3.92
C GLU A 240 20.68 2.23 -4.36
N GLY A 241 19.84 2.20 -5.38
CA GLY A 241 19.38 0.92 -5.90
C GLY A 241 20.56 0.13 -6.42
N ARG A 242 21.53 0.80 -7.02
CA ARG A 242 22.66 0.07 -7.52
C ARG A 242 23.39 -0.57 -6.33
N ARG A 243 23.82 0.24 -5.36
CA ARG A 243 24.57 -0.27 -4.23
C ARG A 243 23.87 -1.42 -3.48
N ARG A 244 22.58 -1.25 -3.14
CA ARG A 244 21.87 -2.31 -2.44
C ARG A 244 21.80 -3.55 -3.32
N ALA A 245 22.04 -3.38 -4.62
CA ALA A 245 21.98 -4.48 -5.56
C ALA A 245 23.20 -5.31 -5.41
N VAL A 246 24.34 -4.63 -5.32
CA VAL A 246 25.63 -5.30 -5.19
C VAL A 246 25.83 -5.82 -3.78
N GLU A 247 25.24 -5.14 -2.80
CA GLU A 247 25.34 -5.57 -1.41
C GLU A 247 24.71 -6.93 -1.29
N LEU A 248 23.54 -7.07 -1.87
CA LEU A 248 22.85 -8.34 -1.89
C LEU A 248 23.74 -9.30 -2.69
N GLY A 249 24.59 -8.74 -3.54
CA GLY A 249 25.49 -9.54 -4.35
C GLY A 249 26.57 -10.15 -3.48
N ARG A 250 27.19 -9.31 -2.65
CA ARG A 250 28.23 -9.73 -1.73
C ARG A 250 27.67 -10.82 -0.82
N ASN A 251 26.50 -10.55 -0.25
CA ASN A 251 25.84 -11.48 0.64
C ASN A 251 25.67 -12.90 0.09
N LEU A 252 25.63 -13.05 -1.23
CA LEU A 252 25.46 -14.38 -1.78
C LEU A 252 26.72 -14.86 -2.46
N ASN A 253 27.80 -14.11 -2.27
CA ASN A 253 29.10 -14.45 -2.83
C ASN A 253 28.99 -14.54 -4.33
N CYS A 254 28.55 -13.44 -4.94
CA CYS A 254 28.38 -13.37 -6.37
C CYS A 254 29.53 -12.62 -6.99
N ASN A 255 29.85 -12.95 -8.24
CA ASN A 255 30.91 -12.23 -8.94
C ASN A 255 30.30 -10.86 -9.13
N LEU A 256 30.79 -9.88 -8.39
CA LEU A 256 30.27 -8.53 -8.50
C LEU A 256 30.97 -7.70 -9.58
N ASN A 257 32.05 -8.24 -10.14
CA ASN A 257 32.84 -7.54 -11.16
C ASN A 257 32.09 -7.12 -12.42
N SER A 258 31.04 -7.85 -12.76
CA SER A 258 30.27 -7.57 -13.98
C SER A 258 28.78 -7.60 -13.73
N ASP A 259 28.09 -6.51 -14.05
CA ASP A 259 26.63 -6.38 -13.89
C ASP A 259 25.84 -7.62 -14.33
N GLU A 260 26.22 -8.24 -15.44
CA GLU A 260 25.53 -9.42 -15.93
C GLU A 260 25.89 -10.67 -15.16
N GLU A 261 27.10 -10.70 -14.62
CA GLU A 261 27.57 -11.83 -13.81
C GLU A 261 26.86 -11.69 -12.44
N LEU A 262 26.64 -10.46 -12.03
CA LEU A 262 25.93 -10.19 -10.81
C LEU A 262 24.49 -10.67 -11.04
N ILE A 263 23.90 -10.27 -12.17
CA ILE A 263 22.51 -10.65 -12.52
C ILE A 263 22.31 -12.16 -12.69
N HIS A 264 23.32 -12.84 -13.22
CA HIS A 264 23.25 -14.27 -13.45
C HIS A 264 23.30 -15.00 -12.13
N CYS A 265 24.18 -14.53 -11.26
CA CYS A 265 24.34 -15.14 -9.97
C CYS A 265 23.00 -15.08 -9.28
N LEU A 266 22.47 -13.86 -9.16
CA LEU A 266 21.18 -13.65 -8.51
C LEU A 266 20.08 -14.48 -9.15
N ARG A 267 20.17 -14.66 -10.46
CA ARG A 267 19.16 -15.39 -11.17
C ARG A 267 19.23 -16.88 -10.98
N GLU A 268 20.34 -17.36 -10.40
CA GLU A 268 20.56 -18.78 -10.10
C GLU A 268 20.13 -19.18 -8.67
N LYS A 269 20.38 -18.29 -7.72
CA LYS A 269 20.05 -18.50 -6.31
C LYS A 269 18.58 -18.82 -6.12
N LYS A 270 18.26 -19.79 -5.27
CA LYS A 270 16.86 -20.09 -5.03
C LYS A 270 16.18 -18.85 -4.45
N PRO A 271 14.85 -18.80 -4.44
CA PRO A 271 14.17 -17.63 -3.90
C PRO A 271 14.45 -17.28 -2.44
N GLN A 272 14.33 -18.27 -1.55
CA GLN A 272 14.56 -18.03 -0.12
C GLN A 272 15.95 -17.51 0.19
N GLU A 273 16.92 -17.78 -0.69
CA GLU A 273 18.27 -17.32 -0.43
C GLU A 273 18.30 -15.81 -0.52
N LEU A 274 17.42 -15.29 -1.37
CA LEU A 274 17.31 -13.86 -1.57
C LEU A 274 16.55 -13.24 -0.40
N ILE A 275 15.43 -13.85 -0.05
CA ILE A 275 14.61 -13.35 1.05
C ILE A 275 15.40 -13.35 2.36
N ASP A 276 16.22 -14.38 2.57
CA ASP A 276 17.06 -14.54 3.78
C ASP A 276 17.93 -13.36 4.14
N VAL A 277 18.61 -12.79 3.15
CA VAL A 277 19.51 -11.69 3.43
C VAL A 277 18.99 -10.36 2.91
N GLU A 278 17.71 -10.36 2.54
CA GLU A 278 17.05 -9.17 2.01
C GLU A 278 17.29 -7.93 2.84
N TRP A 279 17.31 -8.12 4.16
CA TRP A 279 17.48 -7.01 5.08
C TRP A 279 18.90 -6.57 5.39
N ASN A 280 19.87 -7.43 5.11
CA ASN A 280 21.26 -7.11 5.40
C ASN A 280 21.81 -5.97 4.57
N VAL A 281 21.10 -5.57 3.51
CA VAL A 281 21.57 -4.49 2.62
C VAL A 281 21.19 -3.06 2.94
N LEU A 282 20.20 -2.81 3.80
CA LEU A 282 19.86 -1.43 4.15
C LEU A 282 21.14 -0.74 4.63
N PRO A 283 21.29 0.54 4.33
CA PRO A 283 22.46 1.33 4.69
C PRO A 283 22.49 2.04 6.06
N PHE A 284 21.58 1.70 6.95
CA PHE A 284 21.51 2.36 8.25
C PHE A 284 20.63 1.62 9.25
N ASP A 285 20.85 1.86 10.53
CA ASP A 285 20.04 1.25 11.57
C ASP A 285 18.82 2.14 11.53
N SER A 286 17.66 1.57 11.28
CA SER A 286 16.48 2.40 11.17
C SER A 286 15.20 1.59 11.15
N ILE A 287 14.10 2.24 11.53
CA ILE A 287 12.81 1.57 11.48
C ILE A 287 12.00 2.21 10.38
N PHE A 288 11.01 1.47 9.87
CA PHE A 288 10.15 1.96 8.81
C PHE A 288 10.90 2.33 7.57
N ARG A 289 11.83 1.47 7.16
CA ARG A 289 12.61 1.69 5.96
C ARG A 289 12.84 0.30 5.36
N PHE A 290 12.73 0.18 4.04
CA PHE A 290 12.85 -1.13 3.42
C PHE A 290 13.93 -1.20 2.37
N SER A 291 14.32 -2.43 2.04
CA SER A 291 15.43 -2.67 1.13
C SER A 291 15.35 -2.37 -0.34
N PHE A 292 14.49 -3.14 -1.03
CA PHE A 292 14.27 -3.00 -2.48
C PHE A 292 12.93 -2.34 -2.70
N VAL A 293 13.01 -1.07 -3.07
CA VAL A 293 11.87 -0.23 -3.25
C VAL A 293 12.01 0.41 -4.65
N PRO A 294 10.97 1.09 -5.17
CA PRO A 294 11.04 1.73 -6.50
C PRO A 294 12.14 2.77 -6.59
N VAL A 295 12.69 2.95 -7.79
CA VAL A 295 13.73 3.95 -8.03
C VAL A 295 13.25 5.03 -8.97
N ILE A 296 13.79 6.22 -8.82
CA ILE A 296 13.46 7.32 -9.69
C ILE A 296 14.44 7.20 -10.88
N ASP A 297 14.03 6.43 -11.88
CA ASP A 297 14.85 6.11 -13.04
C ASP A 297 14.77 6.94 -14.31
N GLY A 298 13.86 7.89 -14.38
CA GLY A 298 13.76 8.68 -15.60
C GLY A 298 12.86 8.04 -16.63
N GLU A 299 12.44 6.79 -16.38
CA GLU A 299 11.55 6.06 -17.27
C GLU A 299 10.15 6.09 -16.63
N PHE A 300 9.96 5.24 -15.64
CA PHE A 300 8.68 5.17 -14.94
C PHE A 300 8.42 6.56 -14.37
N PHE A 301 9.48 7.23 -13.92
CA PHE A 301 9.33 8.58 -13.39
C PHE A 301 10.17 9.46 -14.29
N PRO A 302 9.55 10.35 -15.07
CA PRO A 302 10.35 11.21 -15.95
C PRO A 302 11.32 12.12 -15.21
N THR A 303 11.01 12.40 -13.94
CA THR A 303 11.82 13.28 -13.10
C THR A 303 11.61 13.01 -11.60
N SER A 304 12.26 13.81 -10.78
CA SER A 304 12.13 13.70 -9.35
C SER A 304 10.66 13.96 -9.01
N LEU A 305 10.18 13.32 -7.97
CA LEU A 305 8.80 13.46 -7.58
C LEU A 305 8.42 14.86 -7.16
N GLU A 306 9.29 15.55 -6.45
CA GLU A 306 8.95 16.90 -6.03
C GLU A 306 8.83 17.86 -7.21
N SER A 307 9.63 17.65 -8.26
CA SER A 307 9.54 18.49 -9.45
C SER A 307 8.17 18.29 -10.02
N MET A 308 7.84 17.02 -10.25
CA MET A 308 6.54 16.68 -10.82
C MET A 308 5.42 17.25 -9.99
N LEU A 309 5.46 17.02 -8.68
CA LEU A 309 4.42 17.53 -7.78
C LEU A 309 4.29 19.03 -7.92
N ASN A 310 5.44 19.70 -8.02
CA ASN A 310 5.50 21.15 -8.12
C ASN A 310 4.89 21.72 -9.38
N SER A 311 5.23 21.10 -10.50
CA SER A 311 4.80 21.55 -11.80
C SER A 311 3.50 20.93 -12.31
N GLY A 312 2.66 20.47 -11.39
CA GLY A 312 1.41 19.85 -11.81
C GLY A 312 1.63 18.78 -12.87
N ASN A 313 2.80 18.16 -12.91
CA ASN A 313 3.04 17.13 -13.93
C ASN A 313 2.46 15.79 -13.49
N PHE A 314 1.14 15.72 -13.42
CA PHE A 314 0.48 14.48 -13.02
C PHE A 314 -0.98 14.44 -13.45
N LYS A 315 -1.53 13.24 -13.56
CA LYS A 315 -2.93 13.06 -13.90
C LYS A 315 -3.81 13.88 -12.98
N LYS A 316 -4.59 14.80 -13.57
CA LYS A 316 -5.51 15.64 -12.82
C LYS A 316 -6.95 15.06 -12.82
N THR A 317 -7.30 14.38 -11.73
CA THR A 317 -8.60 13.76 -11.53
C THR A 317 -9.05 14.10 -10.10
N GLN A 318 -9.92 13.30 -9.48
CA GLN A 318 -10.33 13.54 -8.09
C GLN A 318 -9.72 12.41 -7.30
N ILE A 319 -9.23 12.69 -6.09
CA ILE A 319 -8.66 11.63 -5.24
C ILE A 319 -9.27 11.62 -3.85
N LEU A 320 -9.35 10.43 -3.28
CA LEU A 320 -9.85 10.28 -1.92
C LEU A 320 -8.73 9.66 -1.11
N LEU A 321 -8.09 10.46 -0.26
CA LEU A 321 -6.99 9.98 0.56
C LEU A 321 -7.11 10.16 2.07
N GLY A 322 -6.62 9.16 2.80
CA GLY A 322 -6.69 9.23 4.24
C GLY A 322 -5.53 8.72 5.05
N VAL A 323 -5.68 8.87 6.36
CA VAL A 323 -4.66 8.52 7.34
C VAL A 323 -5.27 8.07 8.69
N ASN A 324 -4.86 6.89 9.17
CA ASN A 324 -5.28 6.32 10.47
C ASN A 324 -4.69 7.11 11.64
N LYS A 325 -5.28 6.98 12.82
CA LYS A 325 -4.83 7.73 14.00
C LYS A 325 -3.46 7.40 14.54
N ASP A 326 -3.21 6.10 14.74
CA ASP A 326 -1.94 5.64 15.29
C ASP A 326 -1.17 4.91 14.21
N GLU A 327 -0.47 5.70 13.43
CA GLU A 327 0.31 5.19 12.30
C GLU A 327 1.62 4.57 12.65
N GLY A 328 2.20 4.98 13.79
CA GLY A 328 3.50 4.48 14.22
C GLY A 328 3.57 3.11 14.90
N SER A 329 2.71 2.87 15.89
CA SER A 329 2.65 1.63 16.66
C SER A 329 3.33 0.42 16.05
N PHE A 330 2.67 -0.18 15.09
CA PHE A 330 3.13 -1.38 14.43
C PHE A 330 4.64 -1.40 14.18
N PHE A 331 5.14 -0.28 13.70
CA PHE A 331 6.56 -0.16 13.36
C PHE A 331 7.48 -0.15 14.56
N LEU A 332 7.05 0.55 15.62
CA LEU A 332 7.79 0.66 16.87
C LEU A 332 7.86 -0.74 17.52
N LEU A 333 6.68 -1.34 17.71
CA LEU A 333 6.51 -2.67 18.30
C LEU A 333 7.24 -3.74 17.52
N TYR A 334 7.83 -3.38 16.38
CA TYR A 334 8.55 -4.37 15.59
C TYR A 334 10.05 -4.15 15.55
N GLY A 335 10.46 -2.89 15.52
CA GLY A 335 11.87 -2.60 15.46
C GLY A 335 12.42 -1.61 16.47
N ALA A 336 11.61 -1.14 17.40
CA ALA A 336 12.13 -0.20 18.37
C ALA A 336 12.31 -0.88 19.74
N PRO A 337 13.44 -0.60 20.42
CA PRO A 337 13.67 -1.20 21.73
C PRO A 337 12.73 -0.56 22.75
N GLY A 338 12.00 -1.42 23.46
CA GLY A 338 11.10 -0.92 24.49
C GLY A 338 9.69 -1.39 24.32
N PHE A 339 9.26 -1.49 23.06
CA PHE A 339 7.90 -1.88 22.77
C PHE A 339 7.79 -3.38 22.71
N SER A 340 6.76 -3.92 23.38
CA SER A 340 6.51 -5.34 23.43
C SER A 340 5.00 -5.47 23.31
N LYS A 341 4.53 -6.60 22.78
CA LYS A 341 3.12 -6.84 22.58
C LYS A 341 2.36 -7.01 23.89
N ASP A 342 2.91 -7.83 24.79
CA ASP A 342 2.27 -8.10 26.06
C ASP A 342 2.45 -7.07 27.21
N SER A 343 2.93 -5.85 26.95
CA SER A 343 3.09 -4.84 28.00
C SER A 343 2.70 -3.42 27.58
N GLU A 344 2.62 -2.52 28.57
CA GLU A 344 2.25 -1.12 28.33
C GLU A 344 3.33 -0.37 27.57
N SER A 345 4.43 -1.05 27.28
CA SER A 345 5.51 -0.42 26.56
C SER A 345 5.76 1.05 26.94
N LYS A 346 5.90 1.28 28.24
CA LYS A 346 6.19 2.61 28.79
C LYS A 346 7.64 2.75 28.41
N ILE A 347 8.05 3.91 27.94
CA ILE A 347 9.41 4.03 27.47
C ILE A 347 10.32 4.92 28.26
N SER A 348 11.51 4.40 28.53
CA SER A 348 12.53 5.13 29.26
C SER A 348 13.09 6.18 28.33
N ARG A 349 13.65 7.25 28.86
CA ARG A 349 14.21 8.26 27.98
C ARG A 349 15.51 7.80 27.37
N GLU A 350 15.95 6.62 27.77
CA GLU A 350 17.18 6.06 27.23
C GLU A 350 16.82 5.33 25.94
N ASP A 351 15.60 4.81 25.92
CA ASP A 351 15.04 4.09 24.78
C ASP A 351 14.42 5.08 23.81
N PHE A 352 13.74 6.08 24.35
CA PHE A 352 13.13 7.10 23.53
C PHE A 352 14.19 7.74 22.63
N MET A 353 15.38 8.00 23.18
CA MET A 353 16.44 8.64 22.40
C MET A 353 16.97 7.81 21.26
N SER A 354 16.94 6.48 21.43
CA SER A 354 17.38 5.56 20.39
C SER A 354 16.20 5.31 19.45
N GLY A 355 14.99 5.54 19.98
CA GLY A 355 13.79 5.42 19.20
C GLY A 355 13.89 6.48 18.13
N VAL A 356 14.00 7.74 18.54
CA VAL A 356 14.10 8.82 17.58
C VAL A 356 15.33 8.73 16.67
N LYS A 357 16.37 7.99 17.06
CA LYS A 357 17.55 7.84 16.19
C LYS A 357 17.17 6.88 15.07
N LEU A 358 16.30 5.95 15.41
CA LEU A 358 15.85 4.95 14.45
C LEU A 358 14.83 5.48 13.48
N SER A 359 14.10 6.52 13.89
CA SER A 359 13.07 7.10 13.06
C SER A 359 13.60 8.09 12.03
N VAL A 360 14.61 8.86 12.40
CA VAL A 360 15.15 9.84 11.48
C VAL A 360 16.59 9.43 11.19
N PRO A 361 16.78 8.34 10.43
CA PRO A 361 18.08 7.76 10.05
C PRO A 361 19.01 8.68 9.28
N HIS A 362 18.50 9.82 8.86
CA HIS A 362 19.28 10.77 8.08
C HIS A 362 19.68 11.95 8.96
N ALA A 363 18.97 12.10 10.07
CA ALA A 363 19.17 13.19 11.00
C ALA A 363 20.57 13.28 11.56
N ASN A 364 21.07 14.51 11.59
CA ASN A 364 22.37 14.73 12.20
C ASN A 364 21.98 15.00 13.66
N ASP A 365 22.97 15.27 14.51
CA ASP A 365 22.70 15.54 15.92
C ASP A 365 21.64 16.61 16.07
N LEU A 366 21.89 17.75 15.44
CA LEU A 366 20.97 18.85 15.54
C LEU A 366 19.60 18.44 15.02
N GLY A 367 19.58 17.55 14.05
CA GLY A 367 18.32 17.09 13.52
C GLY A 367 17.60 16.36 14.63
N LEU A 368 18.32 15.44 15.26
CA LEU A 368 17.77 14.67 16.36
C LEU A 368 17.30 15.59 17.47
N ASP A 369 18.10 16.63 17.72
CA ASP A 369 17.82 17.63 18.74
C ASP A 369 16.53 18.37 18.48
N ALA A 370 16.30 18.77 17.23
CA ALA A 370 15.09 19.49 16.89
C ALA A 370 13.87 18.59 16.98
N VAL A 371 14.00 17.34 16.54
CA VAL A 371 12.89 16.39 16.60
C VAL A 371 12.43 16.22 18.05
N THR A 372 13.40 16.08 18.96
CA THR A 372 13.13 15.93 20.37
C THR A 372 12.48 17.18 21.00
N LEU A 373 12.96 18.35 20.63
CA LEU A 373 12.40 19.58 21.17
C LEU A 373 10.92 19.64 20.84
N GLN A 374 10.56 19.15 19.65
CA GLN A 374 9.19 19.18 19.18
C GLN A 374 8.32 18.13 19.80
N TYR A 375 8.87 16.94 19.99
CA TYR A 375 8.06 15.88 20.55
C TYR A 375 8.07 15.60 22.05
N THR A 376 8.97 16.22 22.80
CA THR A 376 9.02 15.96 24.25
C THR A 376 8.37 17.01 25.16
N ASP A 377 7.65 16.50 26.15
CA ASP A 377 6.98 17.31 27.16
C ASP A 377 8.03 17.71 28.19
N TRP A 378 8.36 19.00 28.23
CA TRP A 378 9.37 19.44 29.17
C TRP A 378 8.84 19.52 30.58
N MET A 379 7.52 19.50 30.72
CA MET A 379 6.91 19.51 32.03
C MET A 379 6.89 18.07 32.56
N ASP A 380 7.52 17.14 31.84
CA ASP A 380 7.51 15.74 32.22
C ASP A 380 8.55 14.98 31.38
N ASP A 381 9.80 15.45 31.42
CA ASP A 381 10.91 14.86 30.68
C ASP A 381 10.79 13.34 30.44
N ASN A 382 10.86 12.58 31.52
CA ASN A 382 10.76 11.14 31.40
C ASN A 382 9.42 10.68 31.96
N ASN A 383 8.55 10.24 31.07
CA ASN A 383 7.26 9.70 31.44
C ASN A 383 7.09 8.51 30.51
N GLY A 384 6.96 7.33 31.09
CA GLY A 384 6.82 6.13 30.31
C GLY A 384 5.79 6.30 29.21
N ILE A 385 4.60 6.71 29.58
CA ILE A 385 3.55 6.91 28.60
C ILE A 385 3.90 8.00 27.61
N LYS A 386 4.09 9.21 28.12
CA LYS A 386 4.45 10.36 27.29
C LYS A 386 5.45 10.04 26.16
N ASN A 387 6.49 9.29 26.48
CA ASN A 387 7.52 8.95 25.50
C ASN A 387 7.06 7.84 24.57
N ARG A 388 6.18 6.96 25.04
CA ARG A 388 5.68 5.86 24.23
C ARG A 388 4.88 6.49 23.08
N ASP A 389 3.93 7.35 23.45
CA ASP A 389 3.09 8.05 22.50
C ASP A 389 3.89 9.05 21.67
N GLY A 390 4.72 9.84 22.32
CA GLY A 390 5.51 10.80 21.59
C GLY A 390 6.34 10.13 20.52
N LEU A 391 6.71 8.87 20.73
CA LEU A 391 7.51 8.18 19.75
C LEU A 391 6.62 7.71 18.62
N ASP A 392 5.43 7.27 18.97
CA ASP A 392 4.43 6.84 18.00
C ASP A 392 4.19 7.98 16.98
N ASP A 393 3.93 9.18 17.48
CA ASP A 393 3.71 10.35 16.64
C ASP A 393 4.93 10.68 15.78
N ILE A 394 6.12 10.48 16.33
CA ILE A 394 7.31 10.77 15.55
C ILE A 394 7.34 9.86 14.32
N VAL A 395 7.03 8.59 14.52
CA VAL A 395 7.05 7.66 13.41
C VAL A 395 5.95 7.97 12.41
N GLY A 396 4.71 8.00 12.88
CA GLY A 396 3.59 8.28 12.00
C GLY A 396 3.74 9.57 11.21
N ASP A 397 3.95 10.70 11.89
CA ASP A 397 4.08 11.98 11.22
C ASP A 397 5.12 12.00 10.14
N HIS A 398 6.31 11.50 10.46
CA HIS A 398 7.39 11.53 9.51
C HIS A 398 7.30 10.49 8.40
N ASN A 399 6.57 9.40 8.62
CA ASN A 399 6.49 8.35 7.63
C ASN A 399 5.20 8.18 6.88
N VAL A 400 4.13 8.81 7.35
CA VAL A 400 2.85 8.68 6.67
C VAL A 400 2.11 10.00 6.63
N ILE A 401 1.79 10.57 7.78
CA ILE A 401 1.03 11.81 7.79
C ILE A 401 1.62 13.00 7.09
N CYS A 402 2.76 13.50 7.54
CA CYS A 402 3.27 14.66 6.86
C CYS A 402 3.56 14.51 5.36
N PRO A 403 4.08 13.35 4.90
CA PRO A 403 4.32 13.24 3.45
C PRO A 403 3.00 13.29 2.66
N LEU A 404 1.96 12.66 3.21
CA LEU A 404 0.64 12.63 2.58
C LEU A 404 0.13 14.06 2.53
N MET A 405 0.02 14.71 3.68
CA MET A 405 -0.45 16.10 3.69
C MET A 405 0.30 16.96 2.68
N HIS A 406 1.55 16.64 2.41
CA HIS A 406 2.31 17.43 1.45
C HIS A 406 1.81 17.17 0.04
N PHE A 407 1.67 15.89 -0.28
CA PHE A 407 1.19 15.48 -1.59
C PHE A 407 -0.20 16.02 -1.82
N VAL A 408 -1.01 16.05 -0.77
CA VAL A 408 -2.37 16.57 -0.80
C VAL A 408 -2.32 18.04 -1.15
N ASN A 409 -1.60 18.83 -0.38
CA ASN A 409 -1.53 20.25 -0.64
C ASN A 409 -0.98 20.59 -2.03
N LYS A 410 0.07 19.90 -2.45
CA LYS A 410 0.66 20.11 -3.77
C LYS A 410 -0.28 19.67 -4.92
N TYR A 411 -1.06 18.62 -4.66
CA TYR A 411 -1.98 18.11 -5.66
C TYR A 411 -3.32 18.84 -5.72
N THR A 412 -3.81 19.37 -4.60
CA THR A 412 -5.11 20.05 -4.62
C THR A 412 -5.06 21.25 -5.58
N LYS A 413 -3.87 21.80 -5.79
CA LYS A 413 -3.70 22.94 -6.67
C LYS A 413 -3.97 22.66 -8.14
N PHE A 414 -3.85 21.41 -8.57
CA PHE A 414 -4.05 21.04 -9.97
C PHE A 414 -5.07 19.94 -10.19
N GLY A 415 -5.46 19.28 -9.12
CA GLY A 415 -6.41 18.19 -9.23
C GLY A 415 -7.83 18.63 -9.39
N ASN A 416 -8.67 17.66 -9.69
CA ASN A 416 -10.09 17.90 -9.94
C ASN A 416 -10.98 17.53 -8.75
N GLY A 417 -10.50 17.78 -7.53
CA GLY A 417 -11.29 17.48 -6.34
C GLY A 417 -10.61 16.49 -5.42
N THR A 418 -10.41 16.87 -4.16
CA THR A 418 -9.76 15.97 -3.20
C THR A 418 -10.59 15.84 -1.94
N TYR A 419 -10.67 14.61 -1.42
CA TYR A 419 -11.41 14.31 -0.19
C TYR A 419 -10.43 13.65 0.80
N LEU A 420 -10.35 14.21 2.00
CA LEU A 420 -9.42 13.75 3.02
C LEU A 420 -10.13 13.28 4.28
N TYR A 421 -9.70 12.16 4.85
CA TYR A 421 -10.32 11.62 6.07
C TYR A 421 -9.30 11.25 7.17
N PHE A 422 -9.79 11.00 8.37
CA PHE A 422 -8.94 10.67 9.50
C PHE A 422 -9.57 9.53 10.23
N PHE A 423 -9.15 8.30 9.94
CA PHE A 423 -9.79 7.17 10.61
C PHE A 423 -9.26 7.04 12.05
N ASN A 424 -10.16 7.19 13.00
CA ASN A 424 -9.78 7.12 14.39
C ASN A 424 -10.76 6.25 15.13
N HIS A 425 -10.69 4.96 14.89
CA HIS A 425 -11.59 4.04 15.55
C HIS A 425 -10.92 2.67 15.72
N ARG A 426 -10.83 2.23 16.98
CA ARG A 426 -10.23 0.95 17.30
C ARG A 426 -11.36 -0.09 17.33
N ALA A 427 -11.24 -1.11 16.49
CA ALA A 427 -12.24 -2.15 16.45
C ALA A 427 -12.35 -2.82 17.81
N SER A 428 -13.59 -3.01 18.25
CA SER A 428 -13.91 -3.63 19.52
C SER A 428 -13.21 -4.98 19.69
N ASN A 429 -13.10 -5.70 18.58
CA ASN A 429 -12.48 -7.01 18.59
C ASN A 429 -10.99 -7.01 18.26
N LEU A 430 -10.34 -5.85 18.29
CA LEU A 430 -8.93 -5.78 17.96
C LEU A 430 -8.10 -6.71 18.84
N VAL A 431 -7.21 -7.50 18.24
CA VAL A 431 -6.34 -8.44 18.98
C VAL A 431 -5.00 -7.85 19.43
N TRP A 432 -4.66 -6.68 18.92
CA TRP A 432 -3.42 -6.03 19.28
C TRP A 432 -3.65 -5.28 20.57
N PRO A 433 -2.56 -5.07 21.34
CA PRO A 433 -2.60 -4.35 22.60
C PRO A 433 -3.10 -2.93 22.41
N GLU A 434 -3.93 -2.52 23.35
CA GLU A 434 -4.55 -1.21 23.38
C GLU A 434 -3.64 0.00 23.17
N TRP A 435 -2.43 -0.05 23.71
CA TRP A 435 -1.54 1.09 23.56
C TRP A 435 -1.37 1.40 22.07
N MET A 436 -1.39 0.35 21.29
CA MET A 436 -1.23 0.53 19.87
C MET A 436 -2.33 1.39 19.21
N GLY A 437 -3.49 1.51 19.86
CA GLY A 437 -4.59 2.33 19.35
C GLY A 437 -5.19 1.98 18.00
N VAL A 438 -5.46 2.99 17.19
CA VAL A 438 -6.02 2.82 15.84
C VAL A 438 -4.84 2.57 14.94
N ILE A 439 -4.51 1.29 14.81
CA ILE A 439 -3.36 0.83 14.06
C ILE A 439 -3.41 0.93 12.55
N HIS A 440 -2.29 1.39 12.03
CA HIS A 440 -2.08 1.49 10.61
C HIS A 440 -2.45 0.13 10.00
N GLY A 441 -3.43 0.16 9.09
CA GLY A 441 -3.82 -1.04 8.39
C GLY A 441 -5.12 -1.60 8.86
N TYR A 442 -5.63 -1.01 9.93
CA TYR A 442 -6.88 -1.54 10.44
C TYR A 442 -8.20 -0.87 10.04
N GLU A 443 -8.16 -0.11 8.94
CA GLU A 443 -9.36 0.52 8.40
C GLU A 443 -9.74 -0.41 7.24
N ILE A 444 -8.71 -1.00 6.64
CA ILE A 444 -8.86 -1.92 5.53
C ILE A 444 -10.05 -2.81 5.76
N GLU A 445 -10.13 -3.44 6.93
CA GLU A 445 -11.21 -4.37 7.21
C GLU A 445 -12.59 -3.76 7.22
N PHE A 446 -12.67 -2.48 7.53
CA PHE A 446 -13.94 -1.79 7.53
C PHE A 446 -14.37 -1.49 6.10
N VAL A 447 -13.39 -1.19 5.26
CA VAL A 447 -13.58 -0.86 3.86
C VAL A 447 -14.03 -2.08 3.10
N PHE A 448 -13.47 -3.23 3.44
CA PHE A 448 -13.84 -4.44 2.74
C PHE A 448 -15.01 -5.17 3.34
N GLY A 449 -15.69 -4.50 4.26
CA GLY A 449 -16.89 -5.03 4.90
C GLY A 449 -16.89 -6.21 5.84
N LEU A 450 -15.78 -6.51 6.52
CA LEU A 450 -15.76 -7.63 7.46
C LEU A 450 -16.79 -7.43 8.59
N PRO A 451 -16.95 -6.21 9.09
CA PRO A 451 -17.94 -6.01 10.14
C PRO A 451 -19.34 -6.50 9.74
N LEU A 452 -19.54 -6.79 8.46
CA LEU A 452 -20.85 -7.25 7.99
C LEU A 452 -21.15 -8.69 8.37
N VAL A 453 -20.10 -9.46 8.64
CA VAL A 453 -20.27 -10.84 9.05
C VAL A 453 -20.38 -10.90 10.59
N LYS A 454 -21.45 -11.55 11.05
CA LYS A 454 -21.72 -11.67 12.47
C LYS A 454 -20.65 -12.46 13.17
N GLU A 455 -20.36 -13.63 12.62
CA GLU A 455 -19.34 -14.53 13.17
C GLU A 455 -17.96 -13.91 13.36
N LEU A 456 -17.84 -12.60 13.14
CA LEU A 456 -16.58 -11.91 13.32
C LEU A 456 -16.60 -11.05 14.57
N ASN A 457 -17.71 -11.08 15.31
CA ASN A 457 -17.82 -10.35 16.57
C ASN A 457 -17.67 -8.84 16.58
N TYR A 458 -18.26 -8.11 15.64
CA TYR A 458 -18.15 -6.64 15.70
C TYR A 458 -19.45 -6.08 16.26
N THR A 459 -19.41 -4.87 16.78
CA THR A 459 -20.61 -4.27 17.31
C THR A 459 -21.45 -3.79 16.14
N ALA A 460 -22.72 -3.53 16.39
CA ALA A 460 -23.63 -3.04 15.37
C ALA A 460 -23.14 -1.68 14.86
N GLU A 461 -22.66 -0.82 15.76
CA GLU A 461 -22.15 0.48 15.36
C GLU A 461 -21.03 0.32 14.32
N GLU A 462 -20.35 -0.82 14.38
CA GLU A 462 -19.27 -1.11 13.46
C GLU A 462 -19.81 -1.63 12.12
N GLU A 463 -20.94 -2.35 12.15
CA GLU A 463 -21.55 -2.84 10.90
C GLU A 463 -21.94 -1.57 10.18
N ALA A 464 -22.46 -0.64 10.96
CA ALA A 464 -22.87 0.66 10.47
C ALA A 464 -21.72 1.39 9.81
N LEU A 465 -20.65 1.63 10.55
CA LEU A 465 -19.50 2.35 10.01
C LEU A 465 -18.88 1.66 8.79
N SER A 466 -19.05 0.34 8.67
CA SER A 466 -18.53 -0.41 7.55
C SER A 466 -19.36 -0.09 6.29
N ARG A 467 -20.68 -0.07 6.43
CA ARG A 467 -21.57 0.23 5.30
C ARG A 467 -21.39 1.70 4.91
N ARG A 468 -21.26 2.54 5.93
CA ARG A 468 -21.06 3.97 5.75
C ARG A 468 -19.79 4.20 4.96
N ILE A 469 -18.72 3.49 5.28
CA ILE A 469 -17.46 3.68 4.57
C ILE A 469 -17.48 3.09 3.18
N MET A 470 -17.90 1.83 3.07
CA MET A 470 -17.97 1.14 1.78
C MET A 470 -18.69 1.99 0.74
N HIS A 471 -19.75 2.66 1.16
CA HIS A 471 -20.54 3.51 0.27
C HIS A 471 -19.69 4.72 -0.13
N TYR A 472 -19.22 5.47 0.86
CA TYR A 472 -18.36 6.64 0.65
C TYR A 472 -17.30 6.30 -0.41
N TRP A 473 -16.81 5.07 -0.32
CA TRP A 473 -15.78 4.57 -1.20
C TRP A 473 -16.36 4.32 -2.60
N ALA A 474 -17.29 3.36 -2.71
CA ALA A 474 -17.93 3.01 -4.00
C ALA A 474 -18.48 4.25 -4.67
N THR A 475 -19.34 4.98 -3.96
CA THR A 475 -19.91 6.22 -4.46
C THR A 475 -18.86 7.16 -5.04
N PHE A 476 -17.70 7.26 -4.39
CA PHE A 476 -16.65 8.11 -4.93
C PHE A 476 -16.11 7.51 -6.26
N ALA A 477 -16.00 6.20 -6.32
CA ALA A 477 -15.48 5.55 -7.51
C ALA A 477 -16.36 5.92 -8.71
N LYS A 478 -17.67 5.75 -8.55
CA LYS A 478 -18.63 6.02 -9.61
C LYS A 478 -18.79 7.50 -9.96
N THR A 479 -18.49 8.37 -9.01
CA THR A 479 -18.78 9.76 -9.22
C THR A 479 -17.69 10.79 -9.13
N GLY A 480 -16.71 10.58 -8.25
CA GLY A 480 -15.65 11.55 -8.06
C GLY A 480 -16.02 12.40 -6.86
N ASN A 481 -17.08 12.00 -6.16
CA ASN A 481 -17.55 12.67 -4.94
C ASN A 481 -18.08 11.55 -4.03
N PRO A 482 -17.62 11.50 -2.75
CA PRO A 482 -18.09 10.45 -1.86
C PRO A 482 -19.55 10.60 -1.45
N ASN A 483 -20.04 11.84 -1.45
CA ASN A 483 -21.42 12.11 -1.06
C ASN A 483 -22.48 11.69 -2.08
N GLU A 484 -23.58 11.16 -1.56
CA GLU A 484 -24.70 10.67 -2.33
C GLU A 484 -25.50 11.84 -2.97
N SER A 490 -24.27 13.95 7.64
CA SER A 490 -23.00 13.88 6.87
C SER A 490 -22.97 14.94 5.76
N LYS A 491 -21.83 14.98 5.08
CA LYS A 491 -21.53 15.87 3.98
C LYS A 491 -20.04 16.15 4.12
N TRP A 492 -19.28 15.27 3.50
CA TRP A 492 -17.84 15.29 3.49
C TRP A 492 -17.34 16.45 2.61
N PRO A 493 -16.83 17.53 3.22
CA PRO A 493 -16.35 18.65 2.38
C PRO A 493 -15.08 18.37 1.58
N LEU A 494 -14.78 19.26 0.63
CA LEU A 494 -13.63 19.12 -0.23
C LEU A 494 -12.39 19.69 0.41
N PHE A 495 -11.25 19.05 0.18
CA PHE A 495 -10.05 19.57 0.76
C PHE A 495 -9.70 20.78 -0.10
N THR A 496 -9.25 21.84 0.56
CA THR A 496 -8.88 23.04 -0.15
C THR A 496 -7.72 23.65 0.57
N THR A 497 -6.71 24.01 -0.20
CA THR A 497 -5.50 24.63 0.31
C THR A 497 -5.76 25.78 1.29
N LYS A 498 -6.93 26.40 1.17
CA LYS A 498 -7.32 27.50 2.04
C LYS A 498 -7.86 26.99 3.38
N GLU A 499 -9.05 26.41 3.34
CA GLU A 499 -9.72 25.89 4.53
C GLU A 499 -9.11 24.60 5.06
N GLN A 500 -8.78 23.68 4.16
CA GLN A 500 -8.17 22.41 4.53
C GLN A 500 -9.06 21.58 5.44
N LYS A 501 -10.32 21.48 5.07
CA LYS A 501 -11.28 20.70 5.82
C LYS A 501 -11.10 19.19 5.59
N PHE A 502 -11.41 18.41 6.61
CA PHE A 502 -11.32 16.96 6.53
C PHE A 502 -12.27 16.47 7.60
N ILE A 503 -12.51 15.16 7.64
CA ILE A 503 -13.44 14.64 8.61
C ILE A 503 -12.94 13.38 9.28
N ASP A 504 -13.49 13.12 10.47
CA ASP A 504 -13.16 11.94 11.26
C ASP A 504 -14.01 10.81 10.69
N LEU A 505 -13.59 9.57 10.90
CA LEU A 505 -14.31 8.41 10.41
C LEU A 505 -14.37 7.44 11.58
N ASN A 506 -15.49 7.42 12.27
CA ASN A 506 -15.66 6.54 13.42
C ASN A 506 -17.16 6.36 13.63
N THR A 507 -17.56 5.67 14.71
CA THR A 507 -18.97 5.44 14.95
C THR A 507 -19.77 6.61 15.52
N GLU A 508 -19.15 7.78 15.56
CA GLU A 508 -19.81 8.96 16.06
C GLU A 508 -20.18 9.86 14.88
N PRO A 509 -21.10 10.81 15.10
CA PRO A 509 -21.52 11.72 14.04
C PRO A 509 -20.32 12.41 13.37
N MET A 510 -20.27 12.29 12.05
CA MET A 510 -19.21 12.86 11.24
C MET A 510 -18.91 14.34 11.55
N LYS A 511 -17.73 14.58 12.09
CA LYS A 511 -17.29 15.94 12.42
C LYS A 511 -16.31 16.42 11.36
N VAL A 512 -16.37 17.69 11.06
CA VAL A 512 -15.48 18.24 10.06
C VAL A 512 -14.43 19.07 10.76
N HIS A 513 -13.17 18.72 10.55
CA HIS A 513 -12.10 19.46 11.16
C HIS A 513 -11.30 20.23 10.14
N GLN A 514 -10.19 20.80 10.58
CA GLN A 514 -9.33 21.54 9.68
C GLN A 514 -7.87 21.31 10.03
N ARG A 515 -7.01 21.58 9.05
CA ARG A 515 -5.58 21.48 9.20
C ARG A 515 -5.02 20.29 9.95
N LEU A 516 -5.05 19.10 9.34
CA LEU A 516 -4.51 17.90 9.98
C LEU A 516 -3.01 18.07 10.29
N ARG A 517 -2.65 17.83 11.54
CA ARG A 517 -1.28 17.94 12.04
C ARG A 517 -0.53 19.10 11.42
N VAL A 518 -1.18 20.24 11.30
CA VAL A 518 -0.51 21.38 10.70
C VAL A 518 0.74 21.78 11.46
N GLN A 519 0.63 21.91 12.78
CA GLN A 519 1.75 22.31 13.63
C GLN A 519 3.00 21.46 13.37
N MET A 520 2.82 20.15 13.51
CA MET A 520 3.91 19.19 13.33
C MET A 520 4.37 19.03 11.88
N CYS A 521 3.44 19.14 10.93
CA CYS A 521 3.83 18.99 9.53
C CYS A 521 4.67 20.13 8.93
N VAL A 522 4.58 21.34 9.50
CA VAL A 522 5.43 22.41 8.99
C VAL A 522 6.86 22.12 9.48
N PHE A 523 6.99 21.44 10.61
CA PHE A 523 8.30 21.09 11.18
C PHE A 523 8.95 20.04 10.30
N TRP A 524 8.19 19.00 9.98
CA TRP A 524 8.67 17.90 9.15
C TRP A 524 8.85 18.23 7.67
N ASN A 525 7.85 18.90 7.09
CA ASN A 525 7.87 19.29 5.69
C ASN A 525 8.68 20.52 5.35
N GLN A 526 8.79 21.48 6.26
CA GLN A 526 9.55 22.69 5.99
C GLN A 526 10.83 22.85 6.81
N PHE A 527 10.69 22.89 8.15
CA PHE A 527 11.83 23.09 9.06
C PHE A 527 12.95 22.04 9.03
N LEU A 528 12.65 20.80 9.42
CA LEU A 528 13.65 19.75 9.43
C LEU A 528 14.47 19.75 8.14
N PRO A 529 13.83 19.62 6.96
CA PRO A 529 14.64 19.62 5.73
C PRO A 529 15.52 20.84 5.54
N LYS A 530 15.02 22.02 5.91
CA LYS A 530 15.80 23.24 5.75
C LYS A 530 16.97 23.22 6.72
N LEU A 531 16.73 22.74 7.94
CA LEU A 531 17.77 22.66 8.94
C LEU A 531 18.82 21.67 8.43
N LEU A 532 18.39 20.49 8.03
CA LEU A 532 19.31 19.45 7.56
C LEU A 532 20.30 19.80 6.45
N ASN A 533 20.15 20.97 5.84
CA ASN A 533 21.06 21.40 4.80
C ASN A 533 21.89 22.50 5.47
N ALA A 534 22.60 22.10 6.52
CA ALA A 534 23.46 22.96 7.32
C ALA A 534 23.88 22.06 8.51
S SO4 B . 9.91 -2.26 10.51
O1 SO4 B . 9.25 -0.84 10.81
O2 SO4 B . 11.27 -2.14 9.74
O3 SO4 B . 10.32 -2.62 11.97
O4 SO4 B . 8.83 -3.25 10.02
C1 NAF C . 1.69 -3.55 6.30
C2 NAF C . 1.62 -2.31 5.61
C3 NAF C . 2.84 -1.58 5.36
C4 NAF C . 4.08 -2.06 5.90
C5 NAF C . 4.17 -3.24 6.60
C6 NAF C . 3.02 -4.02 6.79
C1' NAF C . 2.79 -0.31 4.49
O1' NAF C . 2.96 -1.05 3.40
O2' NAF C . 1.53 0.39 4.55
C2' NAF C . 4.01 0.63 4.62
F1' NAF C . 5.28 -0.01 4.47
F2' NAF C . 3.88 1.32 5.87
F3' NAF C . 4.04 1.63 3.63
N1 NAF C . 0.57 -4.37 6.41
CM1 NAF C . 0.74 -5.06 7.69
CM2 NAF C . 0.42 -5.46 5.43
CM3 NAF C . -0.79 -3.84 6.06
#